data_2XRE
#
_entry.id   2XRE
#
_cell.length_a   71.981
_cell.length_b   71.981
_cell.length_c   200.640
_cell.angle_alpha   90.00
_cell.angle_beta   90.00
_cell.angle_gamma   120.00
#
_symmetry.space_group_name_H-M   'P 31 2 1'
#
loop_
_entity.id
_entity.type
_entity.pdbx_description
1 polymer 'SENTRIN-SPECIFIC PROTEASE 1'
2 non-polymer GLYCEROL
3 non-polymer 'COBALT (II) ION'
4 water water
#
_entity_poly.entity_id   1
_entity_poly.type   'polypeptide(L)'
_entity_poly.pdbx_seq_one_letter_code
;DSEDEFPEITEEMEKEIKNVFRNGNQDEVLSEAFRLTITRKDIQTLNHLNWLNDEIINFYMNMLMERSKEKGLPSVHAFN
TFFFTKLKTAGYQAVKRWTKKVDVFSVDILLVPIHLGVHWCLAVVDFRKKNITYYDSMGGINNEACRILLQYLKQESIDK
KRKEFDTNGWQLFSKKSQEIPQQMNGSDCGMFACKYADCITKDRPINFTQQHMPYFRKRMVWEILHRKLL
;
_entity_poly.pdbx_strand_id   A,B
#
loop_
_chem_comp.id
_chem_comp.type
_chem_comp.name
_chem_comp.formula
CO non-polymer 'COBALT (II) ION' 'Co 2'
GOL non-polymer GLYCEROL 'C3 H8 O3'
#
# COMPACT_ATOMS: atom_id res chain seq x y z
N ASP A 4 -8.57 10.48 -27.02
CA ASP A 4 -9.69 10.94 -26.22
C ASP A 4 -10.93 10.36 -26.84
N GLU A 5 -12.07 11.00 -26.62
CA GLU A 5 -13.33 10.45 -27.03
C GLU A 5 -13.77 9.30 -26.13
N PHE A 6 -13.55 9.48 -24.83
CA PHE A 6 -14.32 8.77 -23.82
C PHE A 6 -15.79 9.09 -23.88
N PRO A 7 -16.63 8.06 -23.81
CA PRO A 7 -18.05 8.30 -23.82
C PRO A 7 -18.40 9.39 -22.84
N GLU A 8 -19.28 10.29 -23.25
CA GLU A 8 -19.60 11.41 -22.43
C GLU A 8 -20.70 11.10 -21.44
N ILE A 9 -20.69 11.87 -20.39
CA ILE A 9 -21.69 11.77 -19.38
C ILE A 9 -22.63 12.93 -19.58
N THR A 10 -23.77 12.65 -20.17
CA THR A 10 -24.73 13.71 -20.39
C THR A 10 -25.17 14.36 -19.06
N GLU A 11 -25.72 15.55 -19.17
CA GLU A 11 -26.33 16.28 -18.06
C GLU A 11 -27.31 15.38 -17.32
N GLU A 12 -28.14 14.66 -18.07
CA GLU A 12 -29.13 13.80 -17.46
C GLU A 12 -28.47 12.66 -16.64
N MET A 13 -27.37 12.11 -17.18
CA MET A 13 -26.58 11.09 -16.48
C MET A 13 -25.99 11.69 -15.22
N GLU A 14 -25.60 12.95 -15.33
CA GLU A 14 -25.05 13.66 -14.19
C GLU A 14 -26.02 13.79 -13.06
N LYS A 15 -27.30 13.98 -13.37
CA LYS A 15 -28.32 14.14 -12.33
C LYS A 15 -28.44 12.87 -11.54
N GLU A 16 -28.40 11.74 -12.24
CA GLU A 16 -28.46 10.44 -11.60
C GLU A 16 -27.28 10.28 -10.62
N ILE A 17 -26.08 10.62 -11.08
CA ILE A 17 -24.86 10.54 -10.27
C ILE A 17 -24.96 11.39 -9.00
N LYS A 18 -25.27 12.68 -9.17
CA LYS A 18 -25.42 13.64 -8.05
C LYS A 18 -26.40 13.10 -7.03
N ASN A 19 -27.47 12.49 -7.53
CA ASN A 19 -28.58 12.05 -6.70
C ASN A 19 -28.18 11.00 -5.70
N VAL A 20 -27.39 10.03 -6.15
CA VAL A 20 -26.96 8.93 -5.28
C VAL A 20 -25.80 9.28 -4.33
N PHE A 21 -24.99 10.28 -4.69
CA PHE A 21 -24.00 10.88 -3.78
C PHE A 21 -24.67 11.71 -2.68
N ARG A 22 -25.95 12.01 -2.81
CA ARG A 22 -26.68 12.68 -1.73
C ARG A 22 -26.86 11.76 -0.52
N ASN A 23 -27.41 12.32 0.56
CA ASN A 23 -27.71 11.53 1.76
C ASN A 23 -29.13 10.98 1.81
N GLY A 24 -29.28 9.86 2.51
CA GLY A 24 -30.56 9.22 2.69
C GLY A 24 -30.32 7.84 3.27
N ASN A 25 -31.21 6.91 2.96
CA ASN A 25 -31.10 5.55 3.42
C ASN A 25 -29.79 4.95 3.01
N GLN A 26 -28.83 4.92 3.92
CA GLN A 26 -27.52 4.33 3.62
C GLN A 26 -27.60 2.84 3.29
N ASP A 27 -28.67 2.19 3.71
CA ASP A 27 -28.87 0.79 3.36
C ASP A 27 -29.54 0.61 2.00
N GLU A 28 -29.97 1.70 1.38
CA GLU A 28 -30.80 1.55 0.19
C GLU A 28 -30.04 0.83 -0.90
N VAL A 29 -30.55 -0.34 -1.26
CA VAL A 29 -29.99 -1.16 -2.30
C VAL A 29 -30.11 -0.49 -3.67
N LEU A 30 -28.98 0.03 -4.14
CA LEU A 30 -28.96 0.85 -5.33
C LEU A 30 -28.87 -0.06 -6.53
N SER A 31 -28.29 -1.22 -6.29
CA SER A 31 -28.10 -2.21 -7.33
C SER A 31 -27.75 -3.56 -6.69
N GLU A 32 -28.08 -4.63 -7.39
CA GLU A 32 -27.98 -5.91 -6.78
C GLU A 32 -27.83 -6.91 -7.87
N ALA A 33 -26.77 -7.69 -7.78
CA ALA A 33 -26.43 -8.57 -8.86
C ALA A 33 -25.28 -9.44 -8.40
N PHE A 34 -25.10 -10.54 -9.06
CA PHE A 34 -24.03 -11.44 -8.75
C PHE A 34 -23.79 -11.74 -7.28
N ARG A 35 -24.80 -11.62 -6.45
CA ARG A 35 -24.73 -12.02 -5.05
C ARG A 35 -24.21 -10.92 -4.23
N LEU A 36 -24.06 -9.79 -4.87
CA LEU A 36 -23.55 -8.59 -4.22
C LEU A 36 -24.63 -7.55 -4.04
N THR A 37 -24.29 -6.50 -3.33
CA THR A 37 -25.25 -5.48 -3.12
C THR A 37 -24.59 -4.13 -2.92
N ILE A 38 -24.82 -3.26 -3.89
CA ILE A 38 -24.29 -1.92 -3.81
C ILE A 38 -25.34 -1.03 -3.23
N THR A 39 -24.97 -0.38 -2.14
CA THR A 39 -25.81 0.53 -1.42
C THR A 39 -25.32 1.94 -1.61
N ARG A 40 -26.10 2.88 -1.08
CA ARG A 40 -25.73 4.26 -1.09
C ARG A 40 -24.41 4.43 -0.38
N LYS A 41 -24.09 3.49 0.52
CA LYS A 41 -22.92 3.65 1.37
C LYS A 41 -21.66 3.26 0.61
N ASP A 42 -21.77 2.17 -0.14
CA ASP A 42 -20.70 1.66 -0.99
C ASP A 42 -20.42 2.67 -2.08
N ILE A 43 -21.50 3.11 -2.72
CA ILE A 43 -21.44 4.11 -3.79
C ILE A 43 -20.72 5.34 -3.34
N GLN A 44 -20.90 5.78 -2.08
N GLN A 44 -20.91 5.74 -2.07
CA GLN A 44 -20.20 6.99 -1.58
CA GLN A 44 -20.27 6.94 -1.52
C GLN A 44 -18.69 6.84 -1.59
C GLN A 44 -18.73 6.82 -1.38
N THR A 45 -18.19 5.60 -1.51
CA THR A 45 -16.71 5.37 -1.54
C THR A 45 -16.10 5.75 -2.87
N LEU A 46 -16.96 6.11 -3.83
CA LEU A 46 -16.50 6.54 -5.14
C LEU A 46 -16.52 8.03 -5.17
N ASN A 47 -17.06 8.65 -4.16
CA ASN A 47 -17.15 10.07 -4.21
C ASN A 47 -15.85 10.77 -3.98
N HIS A 48 -15.84 12.04 -4.30
CA HIS A 48 -14.67 12.84 -4.13
C HIS A 48 -13.42 12.03 -4.39
N LEU A 49 -12.62 11.83 -3.37
CA LEU A 49 -11.38 11.16 -3.54
C LEU A 49 -11.27 10.09 -2.50
N ASN A 50 -12.41 9.58 -2.12
CA ASN A 50 -12.59 8.45 -1.22
C ASN A 50 -12.04 7.15 -1.75
N TRP A 51 -11.52 6.33 -0.84
N TRP A 51 -11.50 6.33 -0.86
CA TRP A 51 -11.06 4.98 -1.14
CA TRP A 51 -10.97 5.04 -1.22
C TRP A 51 -12.22 4.11 -1.50
C TRP A 51 -12.10 4.06 -1.47
N LEU A 52 -12.12 3.42 -2.64
CA LEU A 52 -13.11 2.40 -3.00
C LEU A 52 -13.13 1.31 -1.97
N ASN A 53 -14.22 0.58 -1.88
CA ASN A 53 -14.29 -0.54 -0.95
C ASN A 53 -14.45 -1.77 -1.78
N ASP A 54 -14.40 -2.92 -1.14
CA ASP A 54 -14.41 -4.21 -1.84
C ASP A 54 -15.66 -4.44 -2.65
N GLU A 55 -16.79 -3.92 -2.17
CA GLU A 55 -18.05 -4.15 -2.85
C GLU A 55 -18.01 -3.52 -4.25
N ILE A 56 -17.53 -2.29 -4.35
CA ILE A 56 -17.45 -1.63 -5.64
C ILE A 56 -16.57 -2.48 -6.53
N ILE A 57 -15.39 -2.85 -6.02
CA ILE A 57 -14.42 -3.55 -6.84
C ILE A 57 -14.97 -4.85 -7.40
N ASN A 58 -15.57 -5.64 -6.52
CA ASN A 58 -16.12 -6.91 -6.89
C ASN A 58 -17.30 -6.76 -7.85
N PHE A 59 -18.15 -5.77 -7.58
CA PHE A 59 -19.28 -5.51 -8.47
C PHE A 59 -18.76 -5.14 -9.86
N TYR A 60 -17.80 -4.23 -9.89
CA TYR A 60 -17.22 -3.88 -11.18
C TYR A 60 -16.62 -5.09 -11.88
N MET A 61 -15.78 -5.84 -11.16
CA MET A 61 -15.09 -6.97 -11.79
C MET A 61 -16.08 -7.97 -12.35
N ASN A 62 -17.21 -8.12 -11.68
CA ASN A 62 -18.27 -9.00 -12.19
C ASN A 62 -18.94 -8.49 -13.44
N MET A 63 -18.98 -7.17 -13.62
CA MET A 63 -19.55 -6.57 -14.85
C MET A 63 -18.62 -6.86 -16.03
N LEU A 64 -17.32 -6.85 -15.76
CA LEU A 64 -16.34 -7.19 -16.81
C LEU A 64 -16.56 -8.60 -17.16
N MET A 65 -16.84 -9.41 -16.13
CA MET A 65 -17.08 -10.84 -16.31
C MET A 65 -18.38 -11.10 -17.13
N GLU A 66 -19.46 -10.42 -16.77
CA GLU A 66 -20.71 -10.47 -17.54
C GLU A 66 -20.51 -9.95 -18.95
N ARG A 67 -19.77 -8.85 -19.12
CA ARG A 67 -19.50 -8.31 -20.47
C ARG A 67 -18.74 -9.30 -21.34
N SER A 68 -18.00 -10.18 -20.67
CA SER A 68 -17.05 -11.07 -21.34
C SER A 68 -17.80 -12.15 -22.05
N LYS A 69 -19.09 -12.26 -21.77
CA LYS A 69 -19.97 -13.27 -22.36
C LYS A 69 -20.24 -13.10 -23.84
N GLU A 70 -19.74 -11.99 -24.39
CA GLU A 70 -19.92 -11.68 -25.80
C GLU A 70 -18.64 -11.93 -26.60
N LYS A 71 -18.89 -12.06 -27.88
CA LYS A 71 -17.88 -12.64 -28.68
C LYS A 71 -17.19 -11.57 -29.33
N GLY A 72 -16.01 -11.95 -29.74
CA GLY A 72 -15.00 -11.04 -30.14
C GLY A 72 -14.24 -10.91 -28.88
N LEU A 73 -14.87 -11.14 -27.75
CA LEU A 73 -14.12 -10.78 -26.55
C LEU A 73 -13.61 -12.01 -25.82
N PRO A 74 -12.55 -11.83 -25.03
CA PRO A 74 -11.97 -12.94 -24.27
C PRO A 74 -12.80 -13.28 -23.04
N SER A 75 -13.18 -14.55 -22.92
CA SER A 75 -13.97 -15.00 -21.81
C SER A 75 -13.19 -14.75 -20.50
N VAL A 76 -13.90 -14.50 -19.42
CA VAL A 76 -13.26 -14.00 -18.23
C VAL A 76 -13.87 -14.59 -16.95
N HIS A 77 -13.02 -15.02 -16.02
CA HIS A 77 -13.48 -15.22 -14.66
C HIS A 77 -12.75 -14.24 -13.76
N ALA A 78 -13.49 -13.65 -12.82
CA ALA A 78 -12.96 -12.68 -11.90
C ALA A 78 -13.05 -13.26 -10.51
N PHE A 79 -11.92 -13.29 -9.79
CA PHE A 79 -11.95 -13.78 -8.43
C PHE A 79 -12.42 -12.68 -7.55
N ASN A 80 -13.16 -13.03 -6.51
CA ASN A 80 -13.56 -12.07 -5.51
C ASN A 80 -12.27 -11.52 -4.89
N THR A 81 -12.32 -10.32 -4.33
CA THR A 81 -11.14 -9.69 -3.75
C THR A 81 -10.52 -10.38 -2.51
N PHE A 82 -11.27 -11.29 -1.86
CA PHE A 82 -10.78 -11.91 -0.63
C PHE A 82 -9.94 -13.12 -0.98
N PHE A 83 -10.12 -13.61 -2.21
CA PHE A 83 -9.44 -14.76 -2.71
C PHE A 83 -7.92 -14.71 -2.59
N PHE A 84 -7.30 -13.64 -3.06
CA PHE A 84 -5.85 -13.63 -3.02
C PHE A 84 -5.33 -13.64 -1.59
N THR A 85 -5.99 -12.90 -0.70
CA THR A 85 -5.42 -12.73 0.62
C THR A 85 -5.63 -13.96 1.48
N LYS A 86 -6.64 -14.73 1.13
CA LYS A 86 -6.92 -16.00 1.78
C LYS A 86 -6.05 -17.05 1.16
N LEU A 87 -5.31 -16.67 0.12
CA LEU A 87 -4.40 -17.61 -0.53
C LEU A 87 -2.98 -17.38 -0.06
N LYS A 88 -2.55 -16.13 -0.01
CA LYS A 88 -1.19 -15.85 0.39
C LYS A 88 -0.99 -16.29 1.85
N THR A 89 -2.01 -16.04 2.68
CA THR A 89 -1.91 -16.27 4.12
C THR A 89 -2.45 -17.63 4.64
N ALA A 90 -3.09 -18.43 3.80
CA ALA A 90 -3.60 -19.70 4.26
C ALA A 90 -3.46 -20.82 3.24
N GLY A 91 -3.02 -20.50 2.04
CA GLY A 91 -2.69 -21.53 1.07
C GLY A 91 -3.84 -22.24 0.39
N TYR A 92 -3.48 -23.14 -0.52
CA TYR A 92 -4.44 -23.68 -1.47
C TYR A 92 -5.71 -24.18 -0.84
N GLN A 93 -5.61 -24.65 0.40
CA GLN A 93 -6.66 -25.45 1.01
C GLN A 93 -7.87 -24.62 1.34
N ALA A 94 -7.61 -23.39 1.75
CA ALA A 94 -8.66 -22.51 2.20
C ALA A 94 -9.50 -21.94 1.06
N VAL A 95 -9.05 -22.11 -0.19
CA VAL A 95 -9.65 -21.42 -1.35
C VAL A 95 -9.99 -22.35 -2.51
N LYS A 96 -9.67 -23.63 -2.35
CA LYS A 96 -9.84 -24.62 -3.42
C LYS A 96 -11.29 -24.97 -3.54
N ARG A 97 -12.03 -24.60 -2.48
CA ARG A 97 -13.47 -24.74 -2.38
C ARG A 97 -14.20 -23.75 -3.28
N TRP A 98 -13.75 -22.49 -3.25
CA TRP A 98 -14.35 -21.38 -3.99
C TRP A 98 -14.56 -21.65 -5.47
N THR A 99 -13.70 -22.49 -6.05
CA THR A 99 -13.84 -22.84 -7.45
C THR A 99 -14.66 -24.11 -7.61
N LYS A 100 -15.45 -24.42 -6.58
CA LYS A 100 -16.47 -25.45 -6.65
C LYS A 100 -17.41 -24.89 -7.70
N LYS A 101 -17.78 -25.72 -8.67
CA LYS A 101 -18.64 -25.30 -9.82
C LYS A 101 -18.02 -24.34 -10.87
N VAL A 102 -16.71 -24.08 -10.78
CA VAL A 102 -16.01 -23.23 -11.77
C VAL A 102 -14.81 -23.91 -12.41
N ASP A 103 -14.81 -23.98 -13.73
CA ASP A 103 -13.67 -24.49 -14.50
C ASP A 103 -12.75 -23.33 -14.94
N VAL A 104 -11.89 -22.94 -14.01
CA VAL A 104 -10.93 -21.86 -14.20
C VAL A 104 -10.08 -22.01 -15.47
N PHE A 105 -9.95 -23.26 -15.95
CA PHE A 105 -9.27 -23.56 -17.22
C PHE A 105 -10.12 -23.37 -18.48
N SER A 106 -11.42 -23.14 -18.32
CA SER A 106 -12.32 -22.96 -19.48
C SER A 106 -12.42 -21.51 -20.02
N VAL A 107 -11.81 -20.55 -19.32
CA VAL A 107 -11.79 -19.16 -19.79
C VAL A 107 -10.40 -18.68 -20.24
N ASP A 108 -10.40 -17.57 -20.98
CA ASP A 108 -9.21 -16.93 -21.50
C ASP A 108 -8.39 -16.15 -20.49
N ILE A 109 -9.09 -15.53 -19.54
CA ILE A 109 -8.53 -14.56 -18.62
C ILE A 109 -9.08 -14.77 -17.21
N LEU A 110 -8.20 -14.70 -16.22
CA LEU A 110 -8.60 -14.64 -14.80
C LEU A 110 -8.20 -13.32 -14.22
N LEU A 111 -9.11 -12.66 -13.47
CA LEU A 111 -8.75 -11.42 -12.81
C LEU A 111 -8.58 -11.68 -11.34
N VAL A 112 -7.50 -11.18 -10.77
CA VAL A 112 -7.20 -11.38 -9.39
C VAL A 112 -6.88 -10.05 -8.76
N PRO A 113 -7.89 -9.39 -8.17
CA PRO A 113 -7.68 -8.15 -7.44
C PRO A 113 -6.85 -8.50 -6.22
N ILE A 114 -5.86 -7.66 -5.90
CA ILE A 114 -4.89 -8.00 -4.90
C ILE A 114 -4.93 -6.86 -3.91
N HIS A 115 -5.30 -7.18 -2.68
CA HIS A 115 -5.41 -6.18 -1.63
C HIS A 115 -4.16 -6.24 -0.71
N LEU A 116 -3.24 -5.29 -0.88
CA LEU A 116 -2.02 -5.28 -0.06
C LEU A 116 -2.07 -4.14 0.91
N GLY A 117 -2.69 -4.38 2.07
CA GLY A 117 -2.80 -3.34 3.07
C GLY A 117 -3.87 -2.39 2.64
N VAL A 118 -3.57 -1.09 2.70
CA VAL A 118 -4.48 -0.06 2.21
C VAL A 118 -4.53 0.05 0.68
N HIS A 119 -3.70 -0.72 -0.02
CA HIS A 119 -3.43 -0.55 -1.45
C HIS A 119 -4.07 -1.64 -2.32
N TRP A 120 -4.50 -1.26 -3.51
CA TRP A 120 -4.88 -2.25 -4.55
C TRP A 120 -3.94 -2.32 -5.74
N CYS A 121 -3.87 -3.52 -6.29
CA CYS A 121 -3.12 -3.87 -7.48
C CYS A 121 -3.94 -5.02 -8.06
N LEU A 122 -3.48 -5.56 -9.17
CA LEU A 122 -4.24 -6.55 -9.89
C LEU A 122 -3.28 -7.49 -10.51
N ALA A 123 -3.59 -8.76 -10.47
CA ALA A 123 -2.87 -9.72 -11.31
C ALA A 123 -3.86 -10.34 -12.25
N VAL A 124 -3.36 -10.86 -13.35
CA VAL A 124 -4.16 -11.31 -14.47
C VAL A 124 -3.50 -12.52 -15.06
N VAL A 125 -4.25 -13.60 -15.14
CA VAL A 125 -3.82 -14.81 -15.84
C VAL A 125 -4.45 -14.79 -17.19
N ASP A 126 -3.64 -14.66 -18.23
CA ASP A 126 -4.11 -14.71 -19.58
C ASP A 126 -3.61 -16.01 -20.15
N PHE A 127 -4.52 -16.91 -20.54
CA PHE A 127 -4.09 -18.23 -21.00
C PHE A 127 -3.66 -18.18 -22.46
N ARG A 128 -4.27 -17.29 -23.24
CA ARG A 128 -3.95 -17.19 -24.65
C ARG A 128 -2.47 -16.92 -24.79
N LYS A 129 -2.01 -15.86 -24.12
CA LYS A 129 -0.61 -15.47 -24.18
C LYS A 129 0.28 -16.44 -23.40
N LYS A 130 -0.34 -17.24 -22.54
CA LYS A 130 0.41 -18.19 -21.73
C LYS A 130 1.30 -17.49 -20.72
N ASN A 131 0.75 -16.45 -20.08
CA ASN A 131 1.50 -15.67 -19.09
C ASN A 131 0.64 -15.05 -17.95
N ILE A 132 1.30 -14.61 -16.87
CA ILE A 132 0.63 -14.16 -15.65
C ILE A 132 1.25 -12.84 -15.30
N THR A 133 0.44 -11.81 -15.18
CA THR A 133 1.00 -10.47 -15.17
C THR A 133 0.45 -9.71 -14.00
N TYR A 134 1.26 -8.82 -13.44
CA TYR A 134 0.92 -8.06 -12.24
C TYR A 134 0.95 -6.59 -12.58
N TYR A 135 -0.04 -5.84 -12.10
CA TYR A 135 -0.18 -4.44 -12.42
C TYR A 135 -0.32 -3.60 -11.15
N ASP A 136 0.53 -2.59 -11.01
CA ASP A 136 0.48 -1.73 -9.86
C ASP A 136 0.63 -0.31 -10.36
N SER A 137 -0.31 0.55 -9.96
CA SER A 137 -0.36 1.91 -10.44
C SER A 137 0.58 2.74 -9.58
N MET A 138 1.41 2.06 -8.82
CA MET A 138 2.32 2.77 -7.94
C MET A 138 3.78 2.42 -8.24
N GLY A 139 3.97 1.50 -9.16
CA GLY A 139 5.29 1.14 -9.62
C GLY A 139 5.80 -0.14 -9.02
N GLY A 140 5.28 -0.49 -7.87
CA GLY A 140 5.64 -1.72 -7.22
C GLY A 140 5.65 -2.94 -8.07
N ILE A 141 6.51 -3.87 -7.76
CA ILE A 141 6.51 -5.09 -8.50
C ILE A 141 6.40 -6.25 -7.54
N ASN A 142 5.92 -7.36 -8.00
CA ASN A 142 5.47 -8.38 -7.11
C ASN A 142 5.42 -9.70 -7.79
N ASN A 143 6.60 -10.15 -8.17
CA ASN A 143 6.80 -11.50 -8.67
C ASN A 143 6.29 -12.53 -7.67
N GLU A 144 6.41 -12.26 -6.36
CA GLU A 144 5.89 -13.23 -5.42
C GLU A 144 4.45 -13.59 -5.76
N ALA A 145 3.61 -12.55 -5.87
CA ALA A 145 2.18 -12.75 -6.11
C ALA A 145 1.93 -13.54 -7.37
N CYS A 146 2.73 -13.30 -8.42
CA CYS A 146 2.58 -14.11 -9.63
C CYS A 146 2.95 -15.59 -9.43
N ARG A 147 3.87 -15.85 -8.51
CA ARG A 147 4.31 -17.23 -8.23
C ARG A 147 3.26 -17.92 -7.39
N ILE A 148 2.76 -17.22 -6.38
CA ILE A 148 1.61 -17.71 -5.63
C ILE A 148 0.45 -18.14 -6.54
N LEU A 149 0.22 -17.37 -7.62
CA LEU A 149 -0.85 -17.75 -8.57
C LEU A 149 -0.48 -18.96 -9.42
N LEU A 150 0.76 -19.01 -9.90
CA LEU A 150 1.27 -20.23 -10.52
C LEU A 150 1.07 -21.46 -9.61
N GLN A 151 1.49 -21.35 -8.35
CA GLN A 151 1.36 -22.47 -7.41
C GLN A 151 -0.10 -22.89 -7.37
N TYR A 152 -0.98 -21.93 -7.00
CA TYR A 152 -2.43 -22.14 -7.03
C TYR A 152 -2.86 -22.77 -8.34
N LEU A 153 -2.38 -22.25 -9.46
CA LEU A 153 -2.82 -22.83 -10.72
C LEU A 153 -2.42 -24.29 -10.78
N LYS A 154 -1.13 -24.54 -10.51
CA LYS A 154 -0.56 -25.88 -10.47
C LYS A 154 -1.47 -26.77 -9.64
N GLN A 155 -1.72 -26.37 -8.40
CA GLN A 155 -2.48 -27.21 -7.48
C GLN A 155 -3.95 -27.41 -7.86
N GLU A 156 -4.48 -26.53 -8.73
CA GLU A 156 -5.87 -26.61 -9.12
C GLU A 156 -6.04 -27.52 -10.29
N SER A 157 -5.07 -27.51 -11.20
CA SER A 157 -5.04 -28.44 -12.31
C SER A 157 -5.15 -29.88 -11.76
N ILE A 158 -4.23 -30.25 -10.90
CA ILE A 158 -4.28 -31.56 -10.32
C ILE A 158 -5.68 -31.78 -9.80
N ASP A 159 -6.05 -30.98 -8.82
CA ASP A 159 -7.29 -31.15 -8.07
C ASP A 159 -8.50 -31.23 -8.98
N LYS A 160 -8.78 -30.26 -9.79
CA LYS A 160 -10.03 -30.42 -10.49
C LYS A 160 -9.91 -31.22 -11.74
N LYS A 161 -8.69 -31.45 -12.20
CA LYS A 161 -8.43 -31.94 -13.54
C LYS A 161 -7.63 -33.23 -13.59
N ARG A 162 -7.14 -33.62 -12.43
CA ARG A 162 -6.25 -34.79 -12.25
C ARG A 162 -5.04 -34.80 -13.21
N LYS A 163 -4.72 -33.62 -13.76
CA LYS A 163 -3.67 -33.46 -14.76
C LYS A 163 -2.56 -32.52 -14.28
N GLU A 164 -1.44 -32.58 -14.99
CA GLU A 164 -0.29 -31.72 -14.74
C GLU A 164 -0.47 -30.31 -15.31
N PHE A 165 -0.08 -29.28 -14.56
CA PHE A 165 -0.05 -27.95 -15.16
C PHE A 165 1.24 -27.67 -15.91
N ASP A 166 1.09 -27.47 -17.21
CA ASP A 166 2.19 -27.27 -18.13
C ASP A 166 2.64 -25.81 -18.11
N THR A 167 3.79 -25.54 -17.51
CA THR A 167 4.36 -24.19 -17.50
C THR A 167 5.24 -23.82 -18.72
N ASN A 168 5.22 -24.64 -19.78
CA ASN A 168 5.99 -24.36 -21.00
C ASN A 168 5.62 -23.04 -21.70
N GLY A 169 6.58 -22.12 -21.75
CA GLY A 169 6.39 -20.80 -22.39
C GLY A 169 5.78 -19.79 -21.45
N TRP A 170 5.37 -20.26 -20.27
CA TRP A 170 4.63 -19.45 -19.33
C TRP A 170 5.55 -18.45 -18.65
N GLN A 171 5.27 -17.17 -18.86
CA GLN A 171 6.09 -16.11 -18.29
C GLN A 171 5.32 -15.40 -17.20
N LEU A 172 5.98 -15.09 -16.07
CA LEU A 172 5.35 -14.36 -14.96
C LEU A 172 6.09 -13.08 -14.75
N PHE A 173 5.38 -11.97 -14.52
CA PHE A 173 6.08 -10.68 -14.32
C PHE A 173 5.21 -9.47 -14.00
N SER A 174 5.89 -8.40 -13.59
CA SER A 174 5.26 -7.14 -13.27
C SER A 174 5.53 -6.08 -14.36
N LYS A 175 4.62 -5.10 -14.45
CA LYS A 175 4.74 -4.08 -15.46
C LYS A 175 5.22 -2.82 -14.77
N LYS A 176 6.24 -2.19 -15.36
CA LYS A 176 6.95 -1.13 -14.66
C LYS A 176 6.26 0.20 -14.87
N SER A 177 6.62 1.17 -14.03
CA SER A 177 5.89 2.45 -13.95
C SER A 177 5.73 3.20 -15.28
N GLN A 178 6.60 2.93 -16.26
CA GLN A 178 6.48 3.66 -17.54
C GLN A 178 5.55 2.93 -18.50
N GLU A 179 5.33 1.64 -18.22
CA GLU A 179 4.45 0.85 -19.05
C GLU A 179 2.98 1.17 -18.86
N ILE A 180 2.61 1.70 -17.70
CA ILE A 180 1.20 1.88 -17.42
C ILE A 180 0.99 3.17 -16.63
N PRO A 181 -0.11 3.86 -16.91
CA PRO A 181 -0.30 5.13 -16.25
C PRO A 181 -0.22 4.93 -14.74
N GLN A 182 0.34 5.92 -14.06
CA GLN A 182 0.59 5.83 -12.64
C GLN A 182 -0.36 6.75 -11.92
N GLN A 183 -0.53 6.50 -10.63
CA GLN A 183 -1.40 7.32 -9.82
C GLN A 183 -0.63 8.49 -9.19
N MET A 184 -1.34 9.50 -8.71
CA MET A 184 -0.76 10.59 -7.98
C MET A 184 -1.46 10.59 -6.61
N ASN A 185 -2.77 10.40 -6.65
CA ASN A 185 -3.58 10.23 -5.44
C ASN A 185 -3.65 8.77 -5.03
N GLY A 186 -3.03 8.43 -3.90
CA GLY A 186 -3.17 7.11 -3.30
C GLY A 186 -4.59 6.53 -3.31
N SER A 187 -5.60 7.34 -3.03
CA SER A 187 -6.98 6.82 -3.05
C SER A 187 -7.52 6.29 -4.40
N ASP A 188 -6.91 6.72 -5.51
CA ASP A 188 -7.31 6.19 -6.83
C ASP A 188 -6.81 4.75 -7.12
N CYS A 189 -6.09 4.13 -6.20
CA CYS A 189 -5.51 2.82 -6.54
C CYS A 189 -6.54 1.85 -7.04
N GLY A 190 -7.70 1.81 -6.38
CA GLY A 190 -8.79 0.86 -6.78
C GLY A 190 -9.34 1.14 -8.18
N MET A 191 -9.54 2.41 -8.46
CA MET A 191 -9.94 2.87 -9.80
C MET A 191 -8.93 2.45 -10.84
N PHE A 192 -7.65 2.63 -10.55
CA PHE A 192 -6.61 2.10 -11.48
C PHE A 192 -6.76 0.58 -11.70
N ALA A 193 -6.89 -0.20 -10.63
CA ALA A 193 -7.05 -1.67 -10.82
C ALA A 193 -8.27 -2.01 -11.70
N CYS A 194 -9.43 -1.38 -11.42
CA CYS A 194 -10.64 -1.64 -12.16
C CYS A 194 -10.44 -1.22 -13.60
N LYS A 195 -9.90 -0.03 -13.78
CA LYS A 195 -9.66 0.45 -15.14
C LYS A 195 -8.61 -0.37 -15.92
N TYR A 196 -7.54 -0.82 -15.26
CA TYR A 196 -6.60 -1.73 -15.95
C TYR A 196 -7.36 -2.91 -16.48
N ALA A 197 -8.22 -3.52 -15.65
CA ALA A 197 -8.92 -4.73 -16.07
C ALA A 197 -9.90 -4.49 -17.22
N ASP A 198 -10.45 -3.28 -17.27
CA ASP A 198 -11.41 -2.90 -18.30
C ASP A 198 -10.74 -2.97 -19.68
N CYS A 199 -9.69 -2.19 -19.89
CA CYS A 199 -8.86 -2.30 -21.13
C CYS A 199 -8.43 -3.72 -21.43
N ILE A 200 -7.88 -4.38 -20.42
CA ILE A 200 -7.28 -5.72 -20.61
C ILE A 200 -8.32 -6.70 -21.02
N THR A 201 -9.52 -6.63 -20.43
CA THR A 201 -10.55 -7.61 -20.82
C THR A 201 -11.19 -7.35 -22.22
N LYS A 202 -11.03 -6.16 -22.76
N LYS A 202 -11.10 -6.10 -22.70
CA LYS A 202 -11.46 -5.88 -24.15
CA LYS A 202 -11.50 -5.71 -24.07
C LYS A 202 -10.29 -6.03 -25.12
C LYS A 202 -10.31 -5.92 -25.05
N ASP A 203 -9.14 -6.40 -24.58
CA ASP A 203 -7.89 -6.50 -25.38
C ASP A 203 -7.52 -5.14 -25.99
N ARG A 204 -7.74 -4.08 -25.22
CA ARG A 204 -7.49 -2.73 -25.67
C ARG A 204 -6.27 -2.20 -24.94
N PRO A 205 -5.48 -1.32 -25.59
CA PRO A 205 -4.34 -0.75 -24.86
C PRO A 205 -4.81 0.13 -23.72
N ILE A 206 -4.06 0.13 -22.62
CA ILE A 206 -4.32 0.98 -21.48
C ILE A 206 -3.95 2.39 -21.88
N ASN A 207 -4.97 3.20 -22.16
CA ASN A 207 -4.86 4.46 -22.86
C ASN A 207 -4.88 5.69 -21.96
N PHE A 208 -5.70 5.63 -20.92
CA PHE A 208 -5.93 6.73 -19.96
C PHE A 208 -4.72 7.12 -19.09
N THR A 209 -4.88 8.15 -18.27
CA THR A 209 -3.91 8.53 -17.25
C THR A 209 -4.67 9.01 -16.01
N GLN A 210 -3.92 9.45 -15.00
CA GLN A 210 -4.43 9.90 -13.70
C GLN A 210 -5.46 10.99 -13.85
N GLN A 211 -5.28 11.87 -14.83
CA GLN A 211 -6.24 12.99 -15.03
C GLN A 211 -7.65 12.49 -15.35
N HIS A 212 -7.75 11.25 -15.81
CA HIS A 212 -9.06 10.74 -16.21
C HIS A 212 -9.86 10.22 -15.04
N MET A 213 -9.26 10.22 -13.85
CA MET A 213 -9.86 9.56 -12.70
C MET A 213 -11.15 10.25 -12.20
N PRO A 214 -11.17 11.59 -12.05
CA PRO A 214 -12.44 12.14 -11.60
C PRO A 214 -13.63 11.71 -12.47
N TYR A 215 -13.37 11.56 -13.74
CA TYR A 215 -14.40 11.19 -14.67
C TYR A 215 -14.71 9.69 -14.56
N PHE A 216 -13.68 8.87 -14.36
CA PHE A 216 -13.90 7.43 -14.28
C PHE A 216 -14.75 7.09 -13.03
N ARG A 217 -14.61 7.90 -11.96
CA ARG A 217 -15.34 7.61 -10.73
C ARG A 217 -16.81 7.88 -10.95
N LYS A 218 -17.06 9.01 -11.60
CA LYS A 218 -18.41 9.46 -11.93
C LYS A 218 -19.07 8.44 -12.85
N ARG A 219 -18.34 8.04 -13.88
CA ARG A 219 -18.83 7.06 -14.80
C ARG A 219 -19.16 5.73 -14.09
N MET A 220 -18.32 5.33 -13.12
CA MET A 220 -18.51 4.01 -12.56
C MET A 220 -19.72 4.00 -11.65
N VAL A 221 -19.92 5.08 -10.93
CA VAL A 221 -21.19 5.20 -10.21
C VAL A 221 -22.30 4.86 -11.22
N TRP A 222 -22.31 5.59 -12.34
CA TRP A 222 -23.36 5.49 -13.31
C TRP A 222 -23.48 4.07 -13.80
N GLU A 223 -22.35 3.49 -14.17
CA GLU A 223 -22.38 2.15 -14.74
C GLU A 223 -22.93 1.20 -13.73
N ILE A 224 -22.47 1.36 -12.49
CA ILE A 224 -22.81 0.40 -11.48
C ILE A 224 -24.33 0.40 -11.31
N LEU A 225 -24.90 1.60 -11.17
CA LEU A 225 -26.35 1.83 -11.02
C LEU A 225 -27.23 1.27 -12.14
N HIS A 226 -26.69 1.11 -13.33
CA HIS A 226 -27.48 0.67 -14.47
C HIS A 226 -27.10 -0.72 -14.87
N ARG A 227 -26.11 -1.26 -14.14
N ARG A 227 -26.06 -1.25 -14.22
CA ARG A 227 -25.39 -2.54 -14.46
CA ARG A 227 -25.50 -2.58 -14.59
C ARG A 227 -25.09 -2.53 -15.97
C ARG A 227 -25.09 -2.54 -16.06
N LYS A 228 -24.61 -1.38 -16.49
CA LYS A 228 -24.28 -1.19 -17.92
C LYS A 228 -22.94 -0.51 -18.10
N LEU A 229 -22.02 -1.18 -18.78
CA LEU A 229 -20.71 -0.57 -19.11
C LEU A 229 -20.83 0.26 -20.37
N LEU A 230 -20.23 1.45 -20.34
CA LEU A 230 -20.18 2.28 -21.54
C LEU A 230 -18.99 1.93 -22.42
N GLU B 5 29.46 17.40 6.87
CA GLU B 5 30.40 16.41 7.36
C GLU B 5 29.85 15.01 7.20
N PHE B 6 29.77 13.92 6.51
CA PHE B 6 29.00 12.93 7.29
C PHE B 6 29.84 12.02 8.14
N PRO B 7 29.32 11.59 9.29
CA PRO B 7 30.08 10.75 10.20
C PRO B 7 30.56 9.51 9.52
N GLU B 8 31.86 9.28 9.58
CA GLU B 8 32.57 8.30 8.79
C GLU B 8 32.46 6.87 9.24
N ILE B 9 32.19 5.90 8.39
CA ILE B 9 32.46 4.55 8.90
C ILE B 9 33.91 4.14 8.63
N THR B 10 34.69 4.02 9.69
CA THR B 10 36.10 3.63 9.56
C THR B 10 36.20 2.22 9.04
N GLU B 11 37.38 1.86 8.54
N GLU B 11 37.38 1.90 8.51
CA GLU B 11 37.60 0.54 8.05
CA GLU B 11 37.69 0.55 8.04
C GLU B 11 37.33 -0.46 9.15
C GLU B 11 37.51 -0.49 9.14
N GLU B 12 37.54 -0.07 10.40
CA GLU B 12 37.28 -1.01 11.54
C GLU B 12 35.77 -1.30 11.62
N MET B 13 34.96 -0.30 11.31
CA MET B 13 33.52 -0.41 11.42
C MET B 13 33.04 -1.17 10.17
N GLU B 14 33.62 -0.79 9.03
CA GLU B 14 33.29 -1.38 7.76
C GLU B 14 33.59 -2.85 7.79
N LYS B 15 34.56 -3.22 8.59
CA LYS B 15 34.89 -4.61 8.70
C LYS B 15 33.76 -5.35 9.45
N GLU B 16 33.21 -4.75 10.50
CA GLU B 16 32.09 -5.35 11.24
C GLU B 16 30.85 -5.51 10.33
N ILE B 17 30.66 -4.51 9.45
CA ILE B 17 29.58 -4.47 8.49
C ILE B 17 29.70 -5.56 7.45
N LYS B 18 30.92 -5.79 6.91
CA LYS B 18 31.19 -6.85 5.92
C LYS B 18 30.78 -8.19 6.50
N ASN B 19 31.11 -8.42 7.77
CA ASN B 19 30.85 -9.69 8.47
C ASN B 19 29.38 -10.17 8.46
N VAL B 20 28.42 -9.28 8.69
CA VAL B 20 27.03 -9.77 8.77
C VAL B 20 26.40 -10.25 7.42
N PHE B 21 27.10 -10.01 6.32
CA PHE B 21 26.63 -10.40 5.00
C PHE B 21 27.30 -11.69 4.54
N ARG B 22 26.68 -12.83 4.85
CA ARG B 22 27.21 -14.12 4.46
C ARG B 22 26.10 -15.16 4.32
N ASN B 23 26.40 -16.25 3.61
CA ASN B 23 25.44 -17.31 3.40
C ASN B 23 25.44 -18.33 4.54
N GLY B 24 24.28 -18.53 5.15
CA GLY B 24 24.16 -19.47 6.25
C GLY B 24 23.56 -18.83 7.49
N ASN B 25 22.93 -19.67 8.33
CA ASN B 25 22.30 -19.18 9.56
C ASN B 25 21.57 -17.87 9.32
N GLN B 26 20.57 -17.89 8.43
CA GLN B 26 19.78 -16.70 8.11
C GLN B 26 18.83 -16.35 9.24
N ASP B 27 18.48 -17.36 10.02
CA ASP B 27 17.60 -17.17 11.16
C ASP B 27 18.40 -16.79 12.42
N GLU B 28 19.71 -16.66 12.30
CA GLU B 28 20.56 -16.29 13.46
C GLU B 28 20.25 -14.87 13.99
N VAL B 29 20.11 -14.76 15.31
CA VAL B 29 19.69 -13.50 15.95
C VAL B 29 20.88 -12.58 16.17
N LEU B 30 20.87 -11.45 15.47
CA LEU B 30 22.02 -10.55 15.48
C LEU B 30 21.88 -9.42 16.47
N SER B 31 20.69 -8.92 16.64
CA SER B 31 20.49 -7.80 17.54
C SER B 31 19.08 -7.92 18.01
N GLU B 32 18.77 -7.28 19.13
CA GLU B 32 17.59 -7.68 19.88
C GLU B 32 17.39 -6.60 20.89
N ALA B 33 16.27 -5.89 20.78
CA ALA B 33 16.03 -4.70 21.58
C ALA B 33 14.65 -4.25 21.23
N PHE B 34 14.07 -3.44 22.12
CA PHE B 34 12.70 -2.94 21.99
C PHE B 34 11.74 -4.09 21.63
N ARG B 35 11.87 -5.20 22.37
CA ARG B 35 11.10 -6.43 22.15
CA ARG B 35 11.08 -6.42 22.15
C ARG B 35 11.10 -6.92 20.70
N LEU B 36 11.92 -6.28 19.85
CA LEU B 36 12.07 -6.71 18.46
C LEU B 36 13.25 -7.65 18.33
N THR B 37 13.34 -8.35 17.20
CA THR B 37 14.49 -9.20 16.90
C THR B 37 14.91 -9.05 15.43
N ILE B 38 16.16 -8.65 15.25
CA ILE B 38 16.74 -8.43 13.94
C ILE B 38 17.68 -9.59 13.63
N THR B 39 17.40 -10.31 12.56
CA THR B 39 18.17 -11.48 12.17
C THR B 39 19.00 -11.17 10.93
N ARG B 40 19.86 -12.11 10.54
CA ARG B 40 20.70 -11.93 9.37
C ARG B 40 19.84 -11.58 8.15
N LYS B 41 18.68 -12.22 8.05
CA LYS B 41 17.83 -12.08 6.88
C LYS B 41 17.24 -10.68 6.87
N ASP B 42 16.96 -10.15 8.06
CA ASP B 42 16.39 -8.83 8.21
C ASP B 42 17.45 -7.86 7.74
N ILE B 43 18.69 -8.10 8.20
CA ILE B 43 19.81 -7.22 7.98
C ILE B 43 20.14 -7.17 6.51
N GLN B 44 20.01 -8.31 5.80
CA GLN B 44 20.23 -8.35 4.34
C GLN B 44 19.31 -7.34 3.65
N THR B 45 18.12 -7.07 4.23
CA THR B 45 17.25 -6.12 3.53
C THR B 45 17.86 -4.72 3.43
N LEU B 46 19.03 -4.51 4.07
CA LEU B 46 19.74 -3.25 3.92
C LEU B 46 20.81 -3.22 2.84
N ASN B 47 21.03 -4.34 2.18
CA ASN B 47 21.94 -4.43 1.05
C ASN B 47 21.42 -3.59 -0.11
N HIS B 48 22.29 -3.32 -1.09
N HIS B 48 22.29 -3.31 -1.07
CA HIS B 48 22.05 -2.26 -2.08
CA HIS B 48 22.06 -2.28 -2.09
C HIS B 48 20.78 -2.36 -2.96
C HIS B 48 20.75 -2.38 -2.91
N LEU B 49 20.46 -3.54 -3.49
CA LEU B 49 19.20 -3.62 -4.30
C LEU B 49 18.02 -4.17 -3.52
N ASN B 50 17.99 -3.97 -2.21
CA ASN B 50 16.95 -4.56 -1.37
C ASN B 50 16.08 -3.52 -0.73
N TRP B 51 14.85 -3.91 -0.42
N TRP B 51 14.85 -3.92 -0.39
CA TRP B 51 13.87 -3.03 0.21
CA TRP B 51 13.87 -3.03 0.21
C TRP B 51 13.89 -3.34 1.71
C TRP B 51 13.84 -3.33 1.71
N LEU B 52 13.93 -2.30 2.53
CA LEU B 52 13.93 -2.47 3.98
C LEU B 52 12.62 -3.13 4.40
N ASN B 53 12.72 -4.21 5.18
CA ASN B 53 11.52 -4.86 5.68
C ASN B 53 11.13 -4.12 6.94
N ASP B 54 10.00 -4.52 7.55
CA ASP B 54 9.37 -3.77 8.66
C ASP B 54 10.17 -3.78 9.96
N GLU B 55 10.86 -4.91 10.15
CA GLU B 55 11.64 -5.11 11.36
CA GLU B 55 11.67 -5.15 11.33
C GLU B 55 12.79 -4.10 11.41
N ILE B 56 13.47 -3.90 10.27
CA ILE B 56 14.49 -2.84 10.17
C ILE B 56 13.88 -1.50 10.57
N ILE B 57 12.85 -1.07 9.85
CA ILE B 57 12.26 0.26 10.09
C ILE B 57 11.75 0.39 11.49
N ASN B 58 11.05 -0.62 11.98
CA ASN B 58 10.61 -0.54 13.39
C ASN B 58 11.79 -0.41 14.36
N PHE B 59 12.87 -1.15 14.11
CA PHE B 59 14.05 -1.06 14.97
C PHE B 59 14.63 0.36 14.91
N TYR B 60 14.72 0.94 13.72
CA TYR B 60 15.35 2.25 13.59
C TYR B 60 14.53 3.31 14.27
N MET B 61 13.22 3.28 14.00
CA MET B 61 12.28 4.15 14.66
C MET B 61 12.38 4.05 16.19
N ASN B 62 12.52 2.84 16.72
CA ASN B 62 12.75 2.69 18.16
C ASN B 62 14.12 3.28 18.61
N MET B 63 15.13 3.20 17.75
CA MET B 63 16.35 3.90 18.06
C MET B 63 16.18 5.40 18.09
N LEU B 64 15.35 5.94 17.19
CA LEU B 64 15.09 7.37 17.23
C LEU B 64 14.35 7.71 18.50
N MET B 65 13.53 6.77 18.96
CA MET B 65 12.76 6.96 20.21
C MET B 65 13.72 7.03 21.40
N GLU B 66 14.61 6.05 21.53
CA GLU B 66 15.59 6.09 22.63
C GLU B 66 16.45 7.35 22.58
N ARG B 67 17.03 7.66 21.43
CA ARG B 67 17.82 8.89 21.27
C ARG B 67 17.15 10.13 21.87
N SER B 68 15.78 10.18 21.74
CA SER B 68 15.02 11.19 22.07
C SER B 68 14.93 11.45 23.49
N LYS B 69 15.30 10.41 24.22
CA LYS B 69 15.54 10.58 25.73
C LYS B 69 16.63 11.65 26.16
N GLU B 70 17.53 11.95 25.23
CA GLU B 70 18.62 12.87 25.49
C GLU B 70 18.16 14.30 25.72
N LYS B 71 18.68 14.92 26.76
CA LYS B 71 18.27 16.29 27.03
C LYS B 71 18.68 17.25 25.97
N GLY B 72 17.87 18.28 25.83
CA GLY B 72 17.97 19.23 24.72
C GLY B 72 17.27 18.77 23.46
N LEU B 73 17.09 17.45 23.33
CA LEU B 73 16.43 16.88 22.14
C LEU B 73 14.93 16.71 22.40
N PRO B 74 14.11 16.96 21.36
CA PRO B 74 12.67 16.84 21.48
C PRO B 74 12.23 15.41 21.77
N SER B 75 11.31 15.25 22.73
CA SER B 75 10.69 13.97 23.05
C SER B 75 9.93 13.41 21.83
N VAL B 76 10.00 12.09 21.64
CA VAL B 76 9.54 11.46 20.41
C VAL B 76 8.79 10.17 20.69
N HIS B 77 7.63 9.99 20.04
CA HIS B 77 6.99 8.67 20.02
C HIS B 77 6.79 8.19 18.62
N ALA B 78 7.14 6.93 18.39
CA ALA B 78 7.07 6.35 17.07
C ALA B 78 6.12 5.19 17.16
N PHE B 79 5.21 5.14 16.20
CA PHE B 79 4.24 4.05 16.11
C PHE B 79 4.85 2.95 15.29
N ASN B 80 4.47 1.73 15.56
CA ASN B 80 4.96 0.64 14.74
C ASN B 80 4.39 0.80 13.31
N THR B 81 4.96 0.07 12.38
CA THR B 81 4.68 0.23 10.97
C THR B 81 3.28 -0.28 10.56
N PHE B 82 2.72 -1.29 11.25
CA PHE B 82 1.38 -1.78 10.92
C PHE B 82 0.26 -0.83 11.41
N PHE B 83 0.61 0.23 12.14
CA PHE B 83 -0.34 1.04 12.91
C PHE B 83 -1.28 1.88 12.05
N PHE B 84 -0.69 2.85 11.35
CA PHE B 84 -1.42 3.66 10.43
C PHE B 84 -2.21 2.78 9.46
N THR B 85 -1.62 1.66 9.03
CA THR B 85 -2.38 0.87 8.07
C THR B 85 -3.61 0.23 8.70
N LYS B 86 -3.56 -0.08 9.99
CA LYS B 86 -4.73 -0.69 10.65
C LYS B 86 -5.77 0.38 11.03
N LEU B 87 -5.31 1.58 11.39
CA LEU B 87 -6.19 2.66 11.76
C LEU B 87 -7.09 2.98 10.60
N LYS B 88 -6.56 2.88 9.39
CA LYS B 88 -7.31 3.10 8.18
C LYS B 88 -8.22 1.93 7.90
N THR B 89 -7.64 0.74 7.64
CA THR B 89 -8.46 -0.40 7.20
C THR B 89 -9.51 -0.84 8.20
N ALA B 90 -9.20 -0.70 9.49
CA ALA B 90 -10.08 -1.26 10.53
C ALA B 90 -10.60 -0.24 11.54
N GLY B 91 -10.14 1.00 11.44
CA GLY B 91 -10.65 2.06 12.29
C GLY B 91 -10.01 2.10 13.67
N TYR B 92 -10.04 3.29 14.27
CA TYR B 92 -9.50 3.54 15.59
C TYR B 92 -9.60 2.34 16.51
N GLN B 93 -10.75 1.68 16.48
CA GLN B 93 -11.03 0.51 17.32
C GLN B 93 -9.86 -0.46 17.44
N ALA B 94 -9.22 -0.77 16.31
CA ALA B 94 -8.18 -1.82 16.28
C ALA B 94 -6.77 -1.34 16.64
N VAL B 95 -6.66 -0.10 17.12
CA VAL B 95 -5.35 0.48 17.43
C VAL B 95 -5.21 1.17 18.78
N LYS B 96 -6.31 1.43 19.48
CA LYS B 96 -6.17 2.11 20.77
C LYS B 96 -5.66 1.20 21.89
N ARG B 97 -5.66 -0.10 21.68
CA ARG B 97 -5.08 -0.99 22.66
C ARG B 97 -3.55 -1.01 22.53
N TRP B 98 -3.04 -0.12 21.68
CA TRP B 98 -1.64 -0.15 21.29
C TRP B 98 -0.89 0.91 22.06
N THR B 99 -1.63 1.94 22.49
CA THR B 99 -1.06 2.95 23.36
C THR B 99 -1.58 2.82 24.78
N LYS B 100 -2.08 1.65 25.14
CA LYS B 100 -2.65 1.44 26.49
C LYS B 100 -1.72 2.00 27.57
N LYS B 101 -0.42 1.72 27.43
CA LYS B 101 0.59 2.20 28.36
C LYS B 101 1.32 3.47 27.91
N VAL B 102 0.97 4.00 26.74
CA VAL B 102 1.62 5.23 26.25
C VAL B 102 0.69 6.45 26.28
N ASP B 103 1.15 7.51 26.93
CA ASP B 103 0.49 8.79 26.82
C ASP B 103 1.08 9.63 25.71
N VAL B 104 0.40 9.62 24.58
CA VAL B 104 0.82 10.27 23.36
C VAL B 104 1.16 11.75 23.54
N PHE B 105 0.32 12.45 24.29
CA PHE B 105 0.37 13.91 24.34
C PHE B 105 1.52 14.45 25.19
N SER B 106 2.13 13.56 25.99
CA SER B 106 3.29 13.92 26.81
C SER B 106 4.62 13.93 26.02
N VAL B 107 4.55 14.11 24.70
CA VAL B 107 5.76 14.15 23.87
C VAL B 107 5.71 15.19 22.73
N ASP B 108 6.87 15.76 22.41
CA ASP B 108 6.98 16.77 21.36
C ASP B 108 6.50 16.29 20.00
N ILE B 109 6.84 15.03 19.67
CA ILE B 109 6.76 14.53 18.29
C ILE B 109 6.21 13.10 18.15
N LEU B 110 5.33 12.91 17.17
CA LEU B 110 4.86 11.58 16.82
C LEU B 110 5.31 11.17 15.43
N LEU B 111 5.95 10.00 15.36
CA LEU B 111 6.32 9.43 14.07
C LEU B 111 5.38 8.31 13.66
N VAL B 112 4.89 8.43 12.45
CA VAL B 112 3.97 7.46 11.88
C VAL B 112 4.51 7.09 10.54
N PRO B 113 5.12 5.91 10.45
CA PRO B 113 5.51 5.28 9.19
C PRO B 113 4.31 4.77 8.43
N ILE B 114 4.11 5.25 7.20
CA ILE B 114 2.99 4.81 6.37
C ILE B 114 3.48 3.82 5.33
N HIS B 115 2.97 2.61 5.40
CA HIS B 115 3.27 1.62 4.39
C HIS B 115 2.12 1.69 3.39
N LEU B 116 2.46 1.82 2.10
CA LEU B 116 1.48 1.95 1.04
C LEU B 116 1.88 1.00 -0.06
N GLY B 117 1.35 -0.23 -0.01
CA GLY B 117 1.78 -1.29 -0.89
C GLY B 117 3.24 -1.65 -0.63
N VAL B 118 4.13 -1.12 -1.45
CA VAL B 118 5.57 -1.40 -1.32
C VAL B 118 6.32 -0.15 -0.84
N HIS B 119 5.64 0.98 -0.87
CA HIS B 119 6.24 2.28 -0.69
C HIS B 119 6.13 2.70 0.76
N TRP B 120 6.95 3.69 1.14
CA TRP B 120 7.02 4.09 2.51
C TRP B 120 6.97 5.60 2.51
N CYS B 121 6.14 6.18 3.38
CA CYS B 121 6.11 7.61 3.56
C CYS B 121 6.11 7.83 5.03
N LEU B 122 5.93 9.06 5.46
CA LEU B 122 6.14 9.33 6.88
C LEU B 122 5.28 10.50 7.27
N ALA B 123 4.61 10.40 8.42
CA ALA B 123 3.84 11.52 8.90
C ALA B 123 4.31 11.92 10.27
N VAL B 124 4.39 13.24 10.49
CA VAL B 124 4.85 13.81 11.75
C VAL B 124 3.86 14.81 12.40
N VAL B 125 3.54 14.53 13.67
CA VAL B 125 2.86 15.48 14.53
C VAL B 125 3.89 16.06 15.49
N ASP B 126 4.19 17.35 15.34
CA ASP B 126 4.95 18.07 16.35
C ASP B 126 3.95 18.85 17.18
N PHE B 127 3.78 18.40 18.42
CA PHE B 127 2.82 18.99 19.37
C PHE B 127 3.16 20.40 19.82
N ARG B 128 4.46 20.73 19.84
N ARG B 128 4.46 20.71 19.77
CA ARG B 128 4.91 22.08 20.17
CA ARG B 128 5.00 22.00 20.19
C ARG B 128 4.63 23.04 19.02
C ARG B 128 5.20 22.97 18.99
N LYS B 129 4.77 22.53 17.80
CA LYS B 129 4.75 23.35 16.58
C LYS B 129 3.38 23.30 15.88
N LYS B 130 2.42 22.65 16.55
CA LYS B 130 1.01 22.56 16.12
C LYS B 130 0.67 22.29 14.63
N ASN B 131 0.96 21.07 14.17
CA ASN B 131 0.53 20.57 12.83
C ASN B 131 1.01 19.15 12.50
N ILE B 132 0.33 18.50 11.56
CA ILE B 132 0.81 17.26 10.96
C ILE B 132 1.44 17.56 9.61
N THR B 133 2.55 16.89 9.30
CA THR B 133 3.23 17.02 7.99
C THR B 133 3.44 15.62 7.39
N TYR B 134 3.33 15.50 6.06
CA TYR B 134 3.45 14.21 5.32
C TYR B 134 4.55 14.18 4.26
N TYR B 135 5.64 13.47 4.55
CA TYR B 135 6.76 13.32 3.61
C TYR B 135 6.72 12.02 2.82
N ASP B 136 6.46 12.16 1.53
CA ASP B 136 6.58 11.09 0.56
C ASP B 136 7.85 11.47 -0.13
N SER B 137 8.54 10.48 -0.69
CA SER B 137 9.81 10.76 -1.37
C SER B 137 9.75 10.41 -2.85
N MET B 138 8.60 9.94 -3.27
CA MET B 138 8.37 9.53 -4.62
C MET B 138 7.33 10.41 -5.28
N GLY B 139 7.15 11.63 -4.78
CA GLY B 139 6.16 12.51 -5.33
C GLY B 139 4.78 11.89 -5.35
N GLY B 140 4.12 11.94 -4.21
CA GLY B 140 2.88 11.25 -4.07
C GLY B 140 1.96 12.04 -3.18
N ILE B 141 0.68 11.72 -3.27
CA ILE B 141 -0.37 12.47 -2.61
C ILE B 141 -1.19 11.53 -1.76
N ASN B 142 -1.41 11.89 -0.51
CA ASN B 142 -2.36 11.16 0.34
C ASN B 142 -2.82 12.00 1.51
N ASN B 143 -3.78 12.88 1.23
CA ASN B 143 -4.18 13.95 2.14
C ASN B 143 -5.06 13.48 3.27
N GLU B 144 -5.72 12.36 3.04
CA GLU B 144 -6.56 11.73 4.04
C GLU B 144 -5.70 11.47 5.29
N ALA B 145 -4.58 10.78 5.07
CA ALA B 145 -3.68 10.33 6.14
C ALA B 145 -3.51 11.44 7.16
N CYS B 146 -3.35 12.62 6.61
CA CYS B 146 -3.03 13.81 7.34
C CYS B 146 -4.18 14.29 8.26
N ARG B 147 -5.42 14.02 7.82
CA ARG B 147 -6.62 14.30 8.63
C ARG B 147 -6.97 13.13 9.56
N ILE B 148 -6.80 11.92 9.07
CA ILE B 148 -7.01 10.71 9.87
C ILE B 148 -6.20 10.77 11.18
N LEU B 149 -5.06 11.45 11.14
CA LEU B 149 -4.23 11.66 12.33
C LEU B 149 -4.74 12.78 13.25
N LEU B 150 -5.23 13.87 12.65
CA LEU B 150 -5.96 14.87 13.42
C LEU B 150 -7.22 14.20 13.97
N GLN B 151 -7.89 13.41 13.13
CA GLN B 151 -8.96 12.53 13.59
C GLN B 151 -8.48 11.66 14.76
N TYR B 152 -7.33 11.02 14.58
CA TYR B 152 -6.81 10.08 15.56
C TYR B 152 -6.56 10.75 16.91
N LEU B 153 -5.94 11.93 16.91
CA LEU B 153 -5.61 12.62 18.16
C LEU B 153 -6.89 12.94 18.94
N LYS B 154 -7.81 13.65 18.30
CA LYS B 154 -9.19 13.83 18.80
C LYS B 154 -9.78 12.56 19.45
N GLN B 155 -9.66 11.41 18.78
CA GLN B 155 -10.20 10.14 19.27
C GLN B 155 -9.36 9.53 20.38
N GLU B 156 -8.08 9.85 20.42
CA GLU B 156 -7.22 9.34 21.47
C GLU B 156 -7.32 10.32 22.63
N SER B 157 -7.65 11.57 22.36
C SER B 157 -8.81 11.99 24.41
N ILE B 158 -9.90 11.60 23.77
CA ILE B 158 -11.06 11.18 24.47
C ILE B 158 -10.76 9.86 25.12
N ASP B 159 -10.37 8.89 24.33
CA ASP B 159 -10.25 7.52 24.86
C ASP B 159 -9.21 7.44 25.98
N LYS B 160 -8.29 8.41 25.98
CA LYS B 160 -7.16 8.43 26.92
C LYS B 160 -7.36 9.36 28.10
N LYS B 161 -7.55 10.66 27.84
CA LYS B 161 -7.88 11.68 28.88
C LYS B 161 -9.22 12.60 28.96
N ARG B 162 -10.36 12.07 28.53
CA ARG B 162 -11.84 12.50 28.62
C ARG B 162 -12.04 13.89 28.15
N LYS B 163 -11.20 14.29 27.21
CA LYS B 163 -11.27 15.65 26.68
C LYS B 163 -11.13 15.70 25.16
N GLU B 164 -11.86 16.62 24.60
CA GLU B 164 -11.87 16.72 23.21
C GLU B 164 -10.54 17.37 23.09
N PHE B 165 -9.98 17.33 21.90
CA PHE B 165 -8.68 17.86 21.69
C PHE B 165 -8.92 19.11 20.92
N ASP B 166 -8.33 20.19 21.41
CA ASP B 166 -8.47 21.51 20.80
C ASP B 166 -7.69 21.58 19.48
N THR B 167 -8.41 21.69 18.38
CA THR B 167 -7.76 21.55 17.07
C THR B 167 -7.70 22.87 16.28
N ASN B 168 -7.22 23.94 16.92
CA ASN B 168 -7.26 25.27 16.31
C ASN B 168 -6.21 25.54 15.23
N GLY B 169 -6.68 25.54 13.98
CA GLY B 169 -5.88 25.91 12.82
C GLY B 169 -4.74 24.96 12.55
N TRP B 170 -4.94 23.69 12.86
CA TRP B 170 -3.96 22.67 12.54
C TRP B 170 -4.12 22.33 11.05
N GLN B 171 -2.98 22.06 10.41
CA GLN B 171 -2.88 22.04 8.96
C GLN B 171 -2.43 20.67 8.46
N LEU B 172 -2.86 20.33 7.25
CA LEU B 172 -2.62 19.02 6.65
C LEU B 172 -2.11 19.15 5.21
N PHE B 173 -0.89 18.68 4.96
CA PHE B 173 -0.29 18.81 3.63
C PHE B 173 0.74 17.73 3.27
N SER B 174 0.47 17.06 2.14
CA SER B 174 1.42 16.20 1.43
C SER B 174 2.57 17.04 0.84
N LYS B 175 3.72 17.07 1.53
CA LYS B 175 4.90 17.93 1.18
C LYS B 175 5.42 17.91 -0.25
N LYS B 176 5.75 19.05 -0.86
CA LYS B 176 6.14 19.09 -2.29
C LYS B 176 7.52 18.29 -2.61
N SER B 177 7.79 17.77 -3.86
CA SER B 177 9.07 17.21 -4.42
C SER B 177 10.19 18.00 -4.22
N GLN B 178 10.03 19.32 -4.22
CA GLN B 178 11.22 20.22 -4.22
C GLN B 178 11.62 20.54 -2.84
N GLU B 179 10.37 20.25 -2.37
CA GLU B 179 10.59 20.78 -1.03
C GLU B 179 11.46 19.81 -0.25
N ILE B 180 11.45 18.55 -0.70
CA ILE B 180 12.21 17.48 -0.06
C ILE B 180 12.84 16.55 -1.10
N PRO B 181 14.09 16.12 -0.81
CA PRO B 181 14.84 15.18 -1.62
C PRO B 181 13.97 14.05 -2.11
N GLN B 182 14.03 13.79 -3.41
CA GLN B 182 13.30 12.68 -4.00
C GLN B 182 14.19 11.48 -4.16
N GLN B 183 13.59 10.30 -4.24
CA GLN B 183 14.34 9.11 -4.53
C GLN B 183 14.73 9.14 -5.98
N MET B 184 15.44 8.10 -6.39
CA MET B 184 15.71 7.76 -7.78
C MET B 184 15.48 6.28 -7.81
N ASN B 185 15.84 5.63 -6.70
CA ASN B 185 15.58 4.21 -6.51
C ASN B 185 14.42 3.97 -5.55
N GLY B 186 13.42 3.23 -6.02
CA GLY B 186 12.30 2.84 -5.17
C GLY B 186 12.75 2.07 -3.93
N SER B 187 13.63 1.07 -4.14
CA SER B 187 14.23 0.28 -3.05
C SER B 187 14.71 1.09 -1.85
N ASP B 188 14.99 2.36 -2.05
CA ASP B 188 15.45 3.23 -0.97
C ASP B 188 14.36 4.01 -0.26
N CYS B 189 13.10 3.73 -0.58
CA CYS B 189 11.96 4.51 0.00
C CYS B 189 11.95 4.42 1.51
N GLY B 190 12.15 3.21 2.05
CA GLY B 190 12.27 3.04 3.50
C GLY B 190 13.39 3.85 4.13
N MET B 191 14.53 3.89 3.44
CA MET B 191 15.64 4.70 3.95
C MET B 191 15.23 6.15 4.00
N PHE B 192 14.69 6.67 2.89
CA PHE B 192 14.12 8.03 2.88
C PHE B 192 13.22 8.32 4.09
N ALA B 193 12.21 7.48 4.32
CA ALA B 193 11.38 7.66 5.53
C ALA B 193 12.18 7.63 6.79
N CYS B 194 13.08 6.66 6.92
CA CYS B 194 13.90 6.56 8.13
C CYS B 194 14.77 7.79 8.34
N LYS B 195 15.32 8.32 7.25
CA LYS B 195 16.25 9.44 7.34
C LYS B 195 15.58 10.83 7.39
N TYR B 196 14.48 11.04 6.64
CA TYR B 196 13.61 12.19 6.94
C TYR B 196 13.42 12.21 8.43
N ALA B 197 12.97 11.06 8.96
CA ALA B 197 12.69 10.94 10.38
C ALA B 197 13.84 11.31 11.29
N ASP B 198 15.05 10.82 10.96
CA ASP B 198 16.29 11.13 11.72
C ASP B 198 16.47 12.64 11.84
N CYS B 199 16.41 13.32 10.69
CA CYS B 199 16.55 14.76 10.59
C CYS B 199 15.56 15.52 11.45
N ILE B 200 14.28 15.19 11.30
CA ILE B 200 13.23 15.81 12.08
C ILE B 200 13.45 15.66 13.59
N THR B 201 13.64 14.45 14.07
CA THR B 201 13.76 14.25 15.53
C THR B 201 14.90 15.06 16.18
N LYS B 202 15.89 15.45 15.36
CA LYS B 202 17.05 16.23 15.80
C LYS B 202 16.82 17.74 15.69
N ASP B 203 15.84 18.10 14.86
CA ASP B 203 15.45 19.49 14.58
C ASP B 203 16.19 20.10 13.39
N ARG B 204 17.35 19.55 13.05
N ARG B 204 17.37 19.55 13.06
CA ARG B 204 18.13 19.98 11.89
CA ARG B 204 18.12 19.96 11.88
C ARG B 204 17.38 19.63 10.58
C ARG B 204 17.30 19.69 10.60
N PRO B 205 17.65 20.38 9.49
CA PRO B 205 16.85 20.25 8.26
C PRO B 205 17.23 19.05 7.43
N ILE B 206 16.32 18.62 6.56
CA ILE B 206 16.58 17.48 5.69
C ILE B 206 17.68 17.83 4.66
N ASN B 207 18.93 17.58 5.06
CA ASN B 207 20.12 17.97 4.30
C ASN B 207 20.90 16.82 3.65
N PHE B 208 20.23 16.04 2.78
CA PHE B 208 20.90 14.93 2.14
C PHE B 208 20.22 14.57 0.82
N THR B 209 20.88 13.75 0.01
CA THR B 209 20.31 13.38 -1.27
C THR B 209 20.43 11.88 -1.55
N GLN B 210 19.73 11.40 -2.58
CA GLN B 210 19.86 10.05 -3.07
C GLN B 210 21.32 9.57 -3.10
N GLN B 211 22.25 10.48 -3.42
CA GLN B 211 23.69 10.16 -3.47
C GLN B 211 24.17 9.49 -2.19
N HIS B 212 23.63 9.94 -1.05
CA HIS B 212 24.04 9.42 0.27
C HIS B 212 23.42 8.07 0.70
N MET B 213 22.59 7.46 -0.15
CA MET B 213 21.80 6.32 0.31
C MET B 213 22.62 5.06 0.59
N PRO B 214 23.62 4.74 -0.27
CA PRO B 214 24.47 3.57 -0.05
C PRO B 214 25.20 3.63 1.28
N TYR B 215 25.82 4.76 1.55
CA TYR B 215 26.43 5.10 2.83
C TYR B 215 25.44 4.92 3.97
N PHE B 216 24.23 5.44 3.80
CA PHE B 216 23.20 5.35 4.80
C PHE B 216 22.78 3.90 5.08
N ARG B 217 22.91 3.04 4.08
CA ARG B 217 22.57 1.65 4.34
C ARG B 217 23.66 1.01 5.18
N LYS B 218 24.90 1.05 4.69
CA LYS B 218 26.08 0.65 5.47
C LYS B 218 26.03 1.19 6.89
N ARG B 219 25.83 2.48 7.01
CA ARG B 219 25.75 3.04 8.33
C ARG B 219 24.60 2.47 9.19
N MET B 220 23.44 2.19 8.58
CA MET B 220 22.33 1.65 9.40
C MET B 220 22.59 0.21 9.84
N VAL B 221 23.24 -0.59 9.00
CA VAL B 221 23.60 -1.90 9.47
C VAL B 221 24.39 -1.75 10.76
N TRP B 222 25.40 -0.86 10.71
CA TRP B 222 26.30 -0.65 11.83
C TRP B 222 25.51 -0.10 13.01
N GLU B 223 24.75 0.96 12.78
CA GLU B 223 23.92 1.54 13.87
C GLU B 223 23.05 0.49 14.58
N ILE B 224 22.33 -0.35 13.86
CA ILE B 224 21.51 -1.41 14.39
CA ILE B 224 21.51 -1.36 14.45
C ILE B 224 22.38 -2.36 14.96
N LEU B 225 23.57 -2.78 14.62
CA LEU B 225 24.25 -3.83 15.33
C LEU B 225 24.79 -3.41 16.68
N HIS B 226 24.91 -2.14 16.87
CA HIS B 226 25.57 -1.60 18.00
C HIS B 226 24.53 -0.90 18.85
N ARG B 227 23.29 -0.87 18.37
CA ARG B 227 22.15 -0.08 19.05
CA ARG B 227 22.21 -0.19 19.06
C ARG B 227 22.80 1.17 19.37
N LYS B 228 23.36 1.82 18.36
CA LYS B 228 23.98 3.10 18.57
C LYS B 228 23.88 3.97 17.36
N LEU B 229 23.33 5.15 17.52
CA LEU B 229 23.21 6.05 16.38
C LEU B 229 24.45 6.93 16.30
N LEU B 230 24.92 7.18 15.08
CA LEU B 230 26.07 8.07 14.89
C LEU B 230 25.75 9.57 14.95
C1 GOL C . -22.78 -6.98 -19.77
O1 GOL C . -24.12 -6.74 -20.16
C2 GOL C . -22.17 -5.79 -19.02
O2 GOL C . -22.23 -5.97 -17.61
C3 GOL C . -22.89 -4.50 -19.41
O3 GOL C . -21.96 -3.61 -19.98
C1 GOL D . -0.60 -26.41 -0.16
O1 GOL D . -1.50 -27.42 -0.55
C2 GOL D . -1.01 -25.95 1.24
O2 GOL D . -2.41 -25.99 1.36
C3 GOL D . -0.44 -24.56 1.57
O3 GOL D . -0.01 -23.90 0.40
C1 GOL E . 2.00 -8.85 -23.57
O1 GOL E . 0.63 -9.03 -23.77
C2 GOL E . 2.18 -7.48 -22.95
O2 GOL E . 2.33 -7.68 -21.57
C3 GOL E . 0.94 -6.63 -23.20
O3 GOL E . 1.22 -5.60 -24.12
C1 GOL F . -15.02 -3.42 -28.43
O1 GOL F . -13.82 -3.92 -29.00
C2 GOL F . -15.06 -1.91 -28.57
O2 GOL F . -14.15 -1.37 -27.64
C3 GOL F . -16.45 -1.38 -28.24
O3 GOL F . -16.44 -0.61 -27.06
C1 GOL G . 8.95 -4.47 -4.75
O1 GOL G . 9.20 -4.07 -6.09
C2 GOL G . 9.91 -5.59 -4.34
O2 GOL G . 9.70 -5.89 -2.98
C3 GOL G . 9.71 -6.81 -5.25
O3 GOL G . 9.44 -7.99 -4.51
C1 GOL H . 22.45 13.90 9.31
O1 GOL H . 21.18 13.37 8.98
C2 GOL H . 23.36 12.77 9.75
O2 GOL H . 23.64 11.97 8.62
C3 GOL H . 24.66 13.34 10.30
O3 GOL H . 24.96 12.66 11.48
C1 GOL I . -14.20 3.19 18.04
O1 GOL I . -14.13 2.29 19.13
C2 GOL I . -14.31 4.65 18.53
O2 GOL I . -14.13 5.60 17.50
C3 GOL I . -13.31 4.94 19.64
O3 GOL I . -13.36 3.90 20.59
C1 GOL J . -13.23 1.48 8.58
O1 GOL J . -12.29 0.44 8.59
C2 GOL J . -13.35 1.98 10.00
O2 GOL J . -14.16 1.12 10.78
C3 GOL J . -13.86 3.42 10.01
O3 GOL J . -12.79 4.28 9.67
C1 GOL K . 15.67 -3.90 24.92
O1 GOL K . 16.27 -5.18 25.06
C2 GOL K . 15.94 -3.03 26.13
O2 GOL K . 15.48 -3.71 27.27
C3 GOL K . 15.25 -1.67 26.03
O3 GOL K . 14.45 -1.61 24.87
C1 GOL L . 21.47 -10.22 -1.17
O1 GOL L . 20.82 -9.92 0.05
C2 GOL L . 20.61 -11.14 -2.03
O2 GOL L . 19.32 -11.33 -1.47
C3 GOL L . 20.50 -10.57 -3.44
O3 GOL L . 20.03 -9.23 -3.39
CO CO M . 31.62 -2.65 16.99
#